data_8AZY
#
_entry.id   8AZY
#
_cell.length_a   87.158
_cell.length_b   40.545
_cell.length_c   55.943
_cell.angle_alpha   90.000
_cell.angle_beta   90.000
_cell.angle_gamma   90.000
#
_symmetry.space_group_name_H-M   'P 21 21 2'
#
loop_
_entity.id
_entity.type
_entity.pdbx_description
1 polymer 'GTPase KRas'
2 non-polymer "GUANOSINE-5'-DIPHOSPHATE"
3 non-polymer 'MAGNESIUM ION'
4 non-polymer 1,2-ETHANEDIOL
5 non-polymer (4S)-2-azanyl-4-methyl-4-[3-[4-[(1S)-1-[(2S)-1-methylpyrrolidin-1-ium-2-yl]ethoxy]pyrimidin-2-yl]-1,2,4-oxadiazol-5-yl]-6,7-dihydro-5H-1-benzothiophene-3-carbonitrile
6 water water
#
_entity_poly.entity_id   1
_entity_poly.type   'polypeptide(L)'
_entity_poly.pdbx_seq_one_letter_code
;GMTEYKLVVVGADGVGKSALTIQLIQNHFVDEYDPTIEDSYRKQVVIDGETCLLDILDTAGQEEYSAMRDQYMRTGEGFL
CVFAINNTKSFEDIHHYREQIKRVKDSEDVPMVLVGNKSDLPSRTVDTKQAQDLARSYGIPFIETSAKTRQGVDDAFYTL
VREIRKHKEK
;
_entity_poly.pdbx_strand_id   A
#
loop_
_chem_comp.id
_chem_comp.type
_chem_comp.name
_chem_comp.formula
EDO non-polymer 1,2-ETHANEDIOL 'C2 H6 O2'
GDP RNA linking GUANOSINE-5'-DIPHOSPHATE 'C10 H15 N5 O11 P2'
MG non-polymer 'MAGNESIUM ION' 'Mg 2'
OFU non-polymer (4S)-2-azanyl-4-methyl-4-[3-[4-[(1S)-1-[(2S)-1-methylpyrrolidin-1-ium-2-yl]ethoxy]pyrimidin-2-yl]-1,2,4-oxadiazol-5-yl]-6,7-dihydro-5H-1-benzothiophene-3-carbonitrile 'C23 H28 N7 O2 S 1'
#
# COMPACT_ATOMS: atom_id res chain seq x y z
N GLY A 1 9.81 -9.84 -22.17
CA GLY A 1 10.44 -8.79 -21.38
C GLY A 1 10.01 -8.84 -19.93
N MET A 2 10.75 -8.12 -19.09
CA MET A 2 10.46 -8.08 -17.66
C MET A 2 9.32 -7.11 -17.41
N THR A 3 8.23 -7.63 -16.83
CA THR A 3 7.09 -6.78 -16.56
C THR A 3 7.39 -5.85 -15.39
N GLU A 4 6.98 -4.60 -15.53
CA GLU A 4 7.05 -3.64 -14.44
C GLU A 4 5.66 -3.42 -13.86
N TYR A 5 5.57 -3.41 -12.53
CA TYR A 5 4.32 -3.18 -11.81
C TYR A 5 4.45 -1.87 -11.04
N LYS A 6 3.52 -0.95 -11.29
CA LYS A 6 3.50 0.36 -10.64
C LYS A 6 2.55 0.31 -9.46
N LEU A 7 3.13 0.34 -8.27
CA LEU A 7 2.41 0.22 -7.01
C LEU A 7 2.45 1.54 -6.26
N VAL A 8 1.32 1.94 -5.69
CA VAL A 8 1.22 3.19 -4.95
C VAL A 8 0.82 2.88 -3.51
N VAL A 9 1.55 3.44 -2.57
CA VAL A 9 1.32 3.22 -1.15
C VAL A 9 0.65 4.47 -0.59
N VAL A 10 -0.57 4.31 -0.06
CA VAL A 10 -1.36 5.42 0.42
C VAL A 10 -1.84 5.16 1.84
N GLY A 11 -2.25 6.24 2.49
CA GLY A 11 -2.74 6.21 3.85
C GLY A 11 -2.25 7.39 4.66
N ALA A 12 -2.78 7.54 5.87
CA ALA A 12 -2.54 8.74 6.65
C ALA A 12 -1.07 8.93 6.98
N ASP A 13 -0.69 10.18 7.18
N ASP A 13 -0.69 10.19 7.17
CA ASP A 13 0.61 10.52 7.73
CA ASP A 13 0.65 10.51 7.65
C ASP A 13 0.88 9.65 8.95
C ASP A 13 0.93 9.73 8.94
N GLY A 14 2.08 9.07 9.00
CA GLY A 14 2.51 8.37 10.18
C GLY A 14 2.14 6.90 10.28
N VAL A 15 1.52 6.32 9.26
CA VAL A 15 1.11 4.93 9.38
C VAL A 15 2.26 3.96 9.09
N GLY A 16 3.32 4.43 8.45
CA GLY A 16 4.46 3.62 8.06
C GLY A 16 4.62 3.33 6.57
N LYS A 17 4.05 4.16 5.71
CA LYS A 17 4.22 3.99 4.27
C LYS A 17 5.69 3.98 3.90
N SER A 18 6.45 4.98 4.35
CA SER A 18 7.86 5.02 3.99
C SER A 18 8.62 3.85 4.60
N ALA A 19 8.36 3.54 5.86
CA ALA A 19 9.05 2.43 6.50
C ALA A 19 8.80 1.13 5.75
N LEU A 20 7.56 0.88 5.34
CA LEU A 20 7.23 -0.32 4.59
C LEU A 20 7.95 -0.35 3.24
N THR A 21 7.91 0.76 2.52
CA THR A 21 8.58 0.85 1.23
C THR A 21 10.07 0.60 1.38
N ILE A 22 10.70 1.20 2.39
CA ILE A 22 12.12 1.07 2.57
C ILE A 22 12.50 -0.33 3.02
N GLN A 23 11.67 -1.02 3.78
CA GLN A 23 11.94 -2.43 4.06
C GLN A 23 11.99 -3.21 2.76
N LEU A 24 11.05 -2.96 1.87
CA LEU A 24 11.09 -3.67 0.59
C LEU A 24 12.35 -3.31 -0.19
N ILE A 25 12.69 -2.01 -0.28
CA ILE A 25 13.79 -1.56 -1.13
C ILE A 25 15.14 -1.91 -0.50
N GLN A 26 15.35 -1.53 0.78
CA GLN A 26 16.65 -1.64 1.43
C GLN A 26 16.80 -2.90 2.26
N ASN A 27 15.71 -3.59 2.60
CA ASN A 27 15.78 -4.69 3.55
C ASN A 27 16.30 -4.24 4.91
N HIS A 28 15.87 -3.05 5.33
CA HIS A 28 16.30 -2.42 6.57
C HIS A 28 15.14 -1.58 7.09
N PHE A 29 14.94 -1.59 8.41
CA PHE A 29 13.95 -0.73 9.05
C PHE A 29 14.52 0.66 9.25
N VAL A 30 13.87 1.64 8.66
CA VAL A 30 14.17 3.04 8.82
C VAL A 30 13.03 3.64 9.63
N ASP A 31 13.33 3.97 10.88
CA ASP A 31 12.34 4.50 11.80
C ASP A 31 12.12 5.99 11.64
N GLU A 32 12.89 6.66 10.78
CA GLU A 32 12.83 8.10 10.62
C GLU A 32 13.06 8.39 9.15
N TYR A 33 12.05 8.92 8.48
CA TYR A 33 12.18 9.28 7.06
C TYR A 33 11.27 10.48 6.89
N ASP A 34 11.83 11.58 6.42
CA ASP A 34 11.15 12.87 6.32
C ASP A 34 9.71 12.62 5.88
N PRO A 35 8.73 13.01 6.71
CA PRO A 35 7.33 12.72 6.37
C PRO A 35 6.81 13.43 5.15
N THR A 36 7.51 14.45 4.64
CA THR A 36 7.09 15.18 3.46
C THR A 36 7.63 14.60 2.16
N ILE A 37 8.58 13.67 2.21
CA ILE A 37 9.17 13.14 0.98
C ILE A 37 8.21 12.16 0.30
N GLU A 38 7.78 12.53 -0.90
CA GLU A 38 7.03 11.65 -1.78
C GLU A 38 7.94 11.30 -2.95
N ASP A 39 8.18 10.02 -3.17
CA ASP A 39 9.11 9.65 -4.23
C ASP A 39 8.80 8.22 -4.62
N SER A 40 9.42 7.80 -5.72
CA SER A 40 9.26 6.44 -6.21
C SER A 40 10.61 5.72 -6.23
N TYR A 41 10.53 4.41 -6.11
CA TYR A 41 11.69 3.56 -5.87
C TYR A 41 11.45 2.24 -6.59
N ARG A 42 12.44 1.75 -7.31
CA ARG A 42 12.32 0.49 -8.03
C ARG A 42 13.17 -0.61 -7.40
N LYS A 43 12.70 -1.84 -7.60
CA LYS A 43 13.40 -3.03 -7.15
C LYS A 43 12.99 -4.20 -8.01
N GLN A 44 13.97 -5.01 -8.41
N GLN A 44 13.97 -5.00 -8.44
CA GLN A 44 13.71 -6.25 -9.11
CA GLN A 44 13.71 -6.26 -9.12
C GLN A 44 13.53 -7.38 -8.08
C GLN A 44 13.50 -7.34 -8.07
N VAL A 45 12.45 -8.14 -8.23
CA VAL A 45 12.08 -9.17 -7.27
C VAL A 45 11.60 -10.39 -8.06
N VAL A 46 11.58 -11.52 -7.38
CA VAL A 46 11.04 -12.74 -7.96
C VAL A 46 9.75 -13.04 -7.22
N ILE A 47 8.66 -13.17 -7.95
CA ILE A 47 7.34 -13.40 -7.37
C ILE A 47 6.75 -14.60 -8.10
N ASP A 48 6.61 -15.72 -7.38
CA ASP A 48 6.10 -16.95 -7.98
C ASP A 48 6.96 -17.36 -9.17
N GLY A 49 8.28 -17.22 -9.02
CA GLY A 49 9.23 -17.65 -10.04
C GLY A 49 9.47 -16.67 -11.16
N GLU A 50 8.67 -15.62 -11.26
CA GLU A 50 8.78 -14.64 -12.33
C GLU A 50 9.54 -13.43 -11.81
N THR A 51 10.65 -13.10 -12.46
CA THR A 51 11.39 -11.89 -12.11
C THR A 51 10.65 -10.69 -12.68
N CYS A 52 10.34 -9.72 -11.83
CA CYS A 52 9.63 -8.54 -12.29
C CYS A 52 10.23 -7.31 -11.62
N LEU A 53 9.84 -6.16 -12.13
CA LEU A 53 10.35 -4.88 -11.66
C LEU A 53 9.21 -4.15 -10.96
N LEU A 54 9.39 -3.85 -9.69
CA LEU A 54 8.42 -3.09 -8.94
C LEU A 54 8.84 -1.63 -8.96
N ASP A 55 7.88 -0.75 -9.20
CA ASP A 55 8.07 0.69 -9.12
C ASP A 55 7.08 1.17 -8.07
N ILE A 56 7.60 1.54 -6.91
CA ILE A 56 6.77 1.88 -5.76
C ILE A 56 6.74 3.38 -5.54
N LEU A 57 5.55 3.96 -5.59
CA LEU A 57 5.33 5.36 -5.22
C LEU A 57 4.90 5.38 -3.76
N ASP A 58 5.73 5.95 -2.94
CA ASP A 58 5.48 6.21 -1.51
C ASP A 58 4.91 7.60 -1.40
N THR A 59 3.61 7.71 -1.21
CA THR A 59 2.96 9.02 -1.20
C THR A 59 3.18 9.77 0.11
N ALA A 60 3.11 11.10 0.00
CA ALA A 60 3.33 11.95 1.15
C ALA A 60 2.81 13.34 0.80
N GLY A 61 2.70 14.18 1.82
CA GLY A 61 2.41 15.58 1.60
C GLY A 61 0.93 15.89 1.64
N GLN A 62 0.62 17.07 1.12
CA GLN A 62 -0.71 17.65 1.29
C GLN A 62 -1.73 16.97 0.41
N GLU A 63 -2.92 16.79 0.98
CA GLU A 63 -4.09 16.38 0.20
C GLU A 63 -4.40 17.47 -0.84
N GLU A 64 -4.53 17.06 -2.10
CA GLU A 64 -4.78 18.01 -3.19
C GLU A 64 -5.51 17.30 -4.32
N TYR A 65 -6.61 17.89 -4.79
CA TYR A 65 -7.39 17.25 -5.85
C TYR A 65 -7.28 18.03 -7.15
N SER A 66 -6.05 18.32 -7.56
CA SER A 66 -5.78 18.94 -8.84
C SER A 66 -5.69 17.89 -9.94
N ALA A 67 -5.84 18.33 -11.18
CA ALA A 67 -5.68 17.43 -12.32
C ALA A 67 -4.30 16.80 -12.31
N MET A 68 -3.29 17.56 -11.90
CA MET A 68 -1.92 17.05 -11.90
C MET A 68 -1.75 15.92 -10.90
N ARG A 69 -2.23 16.10 -9.66
CA ARG A 69 -2.09 15.03 -8.68
C ARG A 69 -2.91 13.81 -9.06
N ASP A 70 -4.12 14.00 -9.58
CA ASP A 70 -4.91 12.89 -10.08
C ASP A 70 -4.12 12.12 -11.14
N GLN A 71 -3.52 12.83 -12.09
CA GLN A 71 -2.75 12.18 -13.14
C GLN A 71 -1.63 11.35 -12.56
N TYR A 72 -0.92 11.89 -11.57
CA TYR A 72 0.19 11.17 -10.96
C TYR A 72 -0.29 9.89 -10.27
N MET A 73 -1.41 9.96 -9.56
CA MET A 73 -1.90 8.77 -8.87
C MET A 73 -2.49 7.77 -9.86
N ARG A 74 -3.05 8.25 -10.96
CA ARG A 74 -3.61 7.38 -11.98
C ARG A 74 -2.56 6.49 -12.64
N THR A 75 -1.27 6.85 -12.53
CA THR A 75 -0.25 5.97 -13.07
C THR A 75 -0.15 4.66 -12.28
N GLY A 76 -0.69 4.61 -11.07
CA GLY A 76 -0.63 3.38 -10.30
C GLY A 76 -1.53 2.30 -10.88
N GLU A 77 -1.00 1.09 -10.91
CA GLU A 77 -1.78 -0.07 -11.32
C GLU A 77 -2.43 -0.74 -10.13
N GLY A 78 -1.81 -0.63 -8.95
CA GLY A 78 -2.37 -1.21 -7.75
C GLY A 78 -1.98 -0.34 -6.57
N PHE A 79 -2.78 -0.43 -5.50
CA PHE A 79 -2.65 0.43 -4.34
C PHE A 79 -2.62 -0.38 -3.05
N LEU A 80 -1.69 -0.03 -2.19
CA LEU A 80 -1.70 -0.45 -0.79
C LEU A 80 -2.34 0.64 0.03
N CYS A 81 -3.42 0.28 0.72
CA CYS A 81 -4.12 1.23 1.57
C CYS A 81 -3.72 0.84 2.99
N VAL A 82 -2.89 1.68 3.60
CA VAL A 82 -2.24 1.39 4.86
C VAL A 82 -2.87 2.17 6.00
N PHE A 83 -3.17 1.48 7.09
CA PHE A 83 -3.46 2.10 8.38
C PHE A 83 -2.54 1.49 9.43
N ALA A 84 -2.50 2.12 10.60
CA ALA A 84 -1.76 1.58 11.73
C ALA A 84 -2.72 0.98 12.76
N ILE A 85 -2.39 -0.22 13.24
CA ILE A 85 -3.30 -0.95 14.13
C ILE A 85 -3.49 -0.31 15.49
N ASN A 86 -2.67 0.68 15.84
CA ASN A 86 -2.81 1.43 17.08
C ASN A 86 -3.35 2.83 16.84
N ASN A 87 -3.93 3.09 15.69
CA ASN A 87 -4.45 4.41 15.38
C ASN A 87 -5.80 4.29 14.67
N THR A 88 -6.87 4.43 15.45
CA THR A 88 -8.22 4.27 14.89
C THR A 88 -8.51 5.28 13.79
N LYS A 89 -8.05 6.52 13.95
CA LYS A 89 -8.31 7.51 12.91
C LYS A 89 -7.76 7.07 11.56
N SER A 90 -6.55 6.50 11.53
CA SER A 90 -5.98 6.07 10.27
C SER A 90 -6.83 4.98 9.62
N PHE A 91 -7.48 4.15 10.42
CA PHE A 91 -8.37 3.12 9.87
C PHE A 91 -9.66 3.76 9.35
N GLU A 92 -10.21 4.72 10.10
CA GLU A 92 -11.41 5.42 9.64
C GLU A 92 -11.16 6.26 8.38
N ASP A 93 -9.90 6.59 8.09
CA ASP A 93 -9.56 7.30 6.85
C ASP A 93 -9.61 6.40 5.62
N ILE A 94 -9.52 5.07 5.80
CA ILE A 94 -9.31 4.17 4.67
C ILE A 94 -10.38 4.33 3.61
N HIS A 95 -11.63 4.47 4.01
CA HIS A 95 -12.68 4.52 3.00
C HIS A 95 -12.49 5.74 2.09
N HIS A 96 -11.96 6.84 2.62
CA HIS A 96 -11.70 8.00 1.78
C HIS A 96 -10.63 7.71 0.74
N TYR A 97 -9.52 7.06 1.14
CA TYR A 97 -8.48 6.72 0.18
C TYR A 97 -9.01 5.78 -0.89
N ARG A 98 -9.79 4.78 -0.48
CA ARG A 98 -10.34 3.84 -1.46
C ARG A 98 -11.27 4.56 -2.43
N GLU A 99 -12.09 5.49 -1.94
CA GLU A 99 -13.00 6.21 -2.82
C GLU A 99 -12.23 7.08 -3.82
N GLN A 100 -11.14 7.71 -3.38
CA GLN A 100 -10.35 8.50 -4.33
C GLN A 100 -9.65 7.62 -5.37
N ILE A 101 -9.21 6.43 -4.97
CA ILE A 101 -8.61 5.51 -5.93
C ILE A 101 -9.61 5.11 -6.99
N LYS A 102 -10.81 4.73 -6.57
CA LYS A 102 -11.85 4.36 -7.53
C LYS A 102 -12.11 5.50 -8.50
N ARG A 103 -12.17 6.74 -7.98
CA ARG A 103 -12.44 7.89 -8.82
C ARG A 103 -11.35 8.10 -9.85
N VAL A 104 -10.08 8.12 -9.43
CA VAL A 104 -9.04 8.42 -10.40
C VAL A 104 -8.87 7.29 -11.40
N LYS A 105 -9.07 6.04 -10.99
CA LYS A 105 -8.95 4.92 -11.91
C LYS A 105 -10.24 4.69 -12.69
N ASP A 106 -11.28 5.45 -12.37
CA ASP A 106 -12.61 5.30 -12.96
C ASP A 106 -12.97 3.83 -13.09
N SER A 107 -12.91 3.13 -11.95
CA SER A 107 -13.15 1.70 -11.92
C SER A 107 -13.56 1.31 -10.51
N GLU A 108 -14.49 0.37 -10.43
CA GLU A 108 -14.89 -0.24 -9.17
C GLU A 108 -14.03 -1.46 -8.84
N ASP A 109 -13.07 -1.79 -9.71
CA ASP A 109 -12.28 -3.00 -9.58
C ASP A 109 -10.79 -2.69 -9.73
N VAL A 110 -10.28 -1.84 -8.84
CA VAL A 110 -8.86 -1.48 -8.85
C VAL A 110 -8.09 -2.46 -7.98
N PRO A 111 -6.99 -3.04 -8.45
CA PRO A 111 -6.18 -3.89 -7.59
C PRO A 111 -5.75 -3.14 -6.32
N MET A 112 -5.95 -3.77 -5.17
N MET A 112 -6.04 -3.75 -5.17
CA MET A 112 -5.81 -3.08 -3.90
CA MET A 112 -5.88 -3.11 -3.88
C MET A 112 -5.68 -4.10 -2.78
C MET A 112 -5.58 -4.17 -2.83
N VAL A 113 -4.85 -3.78 -1.81
CA VAL A 113 -4.68 -4.56 -0.59
C VAL A 113 -4.79 -3.64 0.62
N LEU A 114 -5.54 -4.07 1.63
CA LEU A 114 -5.60 -3.37 2.91
C LEU A 114 -4.47 -3.85 3.79
N VAL A 115 -3.74 -2.90 4.37
CA VAL A 115 -2.56 -3.21 5.15
C VAL A 115 -2.72 -2.60 6.54
N GLY A 116 -2.64 -3.46 7.56
CA GLY A 116 -2.61 -3.05 8.95
C GLY A 116 -1.18 -3.11 9.47
N ASN A 117 -0.54 -1.95 9.55
CA ASN A 117 0.86 -1.87 9.93
C ASN A 117 1.03 -1.63 11.43
N LYS A 118 2.28 -1.78 11.87
CA LYS A 118 2.68 -1.65 13.27
C LYS A 118 2.22 -2.84 14.10
N SER A 119 2.14 -4.02 13.47
CA SER A 119 1.65 -5.21 14.15
C SER A 119 2.58 -5.70 15.25
N ASP A 120 3.78 -5.16 15.32
CA ASP A 120 4.69 -5.50 16.41
C ASP A 120 4.32 -4.81 17.73
N LEU A 121 3.47 -3.77 17.69
CA LEU A 121 3.19 -3.02 18.89
C LEU A 121 2.04 -3.62 19.68
N PRO A 122 2.10 -3.52 21.01
CA PRO A 122 1.04 -4.10 21.86
C PRO A 122 -0.19 -3.21 22.01
N SER A 123 -0.13 -1.96 21.59
CA SER A 123 -1.16 -0.97 21.88
C SER A 123 -2.28 -0.94 20.85
N ARG A 124 -2.80 -2.12 20.49
CA ARG A 124 -3.77 -2.23 19.42
C ARG A 124 -5.08 -1.53 19.78
N THR A 125 -5.64 -0.81 18.81
CA THR A 125 -6.95 -0.20 18.94
C THR A 125 -7.93 -0.62 17.85
N VAL A 126 -7.44 -1.21 16.75
CA VAL A 126 -8.25 -1.73 15.66
C VAL A 126 -8.16 -3.25 15.72
N ASP A 127 -9.29 -3.91 16.01
CA ASP A 127 -9.30 -5.37 16.05
C ASP A 127 -8.99 -5.95 14.67
N THR A 128 -8.26 -7.06 14.65
CA THR A 128 -8.04 -7.76 13.40
C THR A 128 -9.34 -8.12 12.72
N LYS A 129 -10.35 -8.52 13.49
CA LYS A 129 -11.62 -8.88 12.89
C LYS A 129 -12.25 -7.70 12.14
N GLN A 130 -12.17 -6.50 12.72
CA GLN A 130 -12.78 -5.36 12.04
C GLN A 130 -12.06 -5.08 10.73
N ALA A 131 -10.75 -5.19 10.74
CA ALA A 131 -9.96 -4.95 9.53
C ALA A 131 -10.23 -6.04 8.50
N GLN A 132 -10.23 -7.31 8.91
CA GLN A 132 -10.57 -8.39 8.00
C GLN A 132 -11.94 -8.18 7.38
N ASP A 133 -12.88 -7.71 8.19
CA ASP A 133 -14.24 -7.50 7.69
C ASP A 133 -14.33 -6.32 6.74
N LEU A 134 -13.54 -5.27 6.95
CA LEU A 134 -13.49 -4.19 5.96
C LEU A 134 -12.93 -4.69 4.63
N ALA A 135 -11.84 -5.44 4.67
CA ALA A 135 -11.32 -6.03 3.44
C ALA A 135 -12.37 -6.91 2.77
N ARG A 136 -13.14 -7.64 3.56
CA ARG A 136 -14.19 -8.48 2.99
C ARG A 136 -15.28 -7.62 2.35
N SER A 137 -15.64 -6.51 2.98
CA SER A 137 -16.63 -5.61 2.37
C SER A 137 -16.16 -5.15 1.00
N TYR A 138 -14.87 -4.84 0.86
CA TYR A 138 -14.32 -4.40 -0.40
C TYR A 138 -13.99 -5.53 -1.36
N GLY A 139 -13.94 -6.76 -0.87
CA GLY A 139 -13.53 -7.86 -1.71
C GLY A 139 -12.05 -7.90 -2.01
N ILE A 140 -11.21 -7.48 -1.06
CA ILE A 140 -9.77 -7.40 -1.29
C ILE A 140 -9.03 -8.11 -0.17
N PRO A 141 -7.75 -8.41 -0.38
CA PRO A 141 -6.96 -9.03 0.68
C PRO A 141 -6.62 -8.05 1.79
N PHE A 142 -6.42 -8.61 2.98
CA PHE A 142 -5.92 -7.88 4.14
C PHE A 142 -4.63 -8.55 4.58
N ILE A 143 -3.61 -7.74 4.82
CA ILE A 143 -2.30 -8.23 5.27
C ILE A 143 -1.90 -7.44 6.49
N GLU A 144 -1.44 -8.16 7.51
CA GLU A 144 -0.91 -7.58 8.74
C GLU A 144 0.60 -7.42 8.59
N THR A 145 1.09 -6.21 8.78
CA THR A 145 2.50 -5.94 8.56
C THR A 145 3.14 -5.31 9.80
N SER A 146 4.45 -5.41 9.85
CA SER A 146 5.31 -4.58 10.68
C SER A 146 6.53 -4.19 9.87
N ALA A 147 6.69 -2.91 9.59
CA ALA A 147 7.92 -2.43 8.98
C ALA A 147 9.10 -2.58 9.93
N LYS A 148 8.86 -2.63 11.23
CA LYS A 148 9.95 -2.79 12.17
C LYS A 148 10.59 -4.16 12.07
N THR A 149 9.78 -5.22 12.02
CA THR A 149 10.28 -6.58 12.04
C THR A 149 10.30 -7.24 10.67
N ARG A 150 9.73 -6.59 9.66
CA ARG A 150 9.53 -7.09 8.30
C ARG A 150 8.34 -8.04 8.15
N GLN A 151 7.59 -8.29 9.20
CA GLN A 151 6.37 -9.07 9.09
C GLN A 151 5.51 -8.55 7.93
N GLY A 152 5.10 -9.47 7.05
CA GLY A 152 4.11 -9.18 6.05
C GLY A 152 4.53 -8.27 4.90
N VAL A 153 5.79 -7.82 4.84
CA VAL A 153 6.17 -6.82 3.83
C VAL A 153 6.06 -7.40 2.44
N ASP A 154 6.75 -8.51 2.18
CA ASP A 154 6.62 -9.17 0.89
C ASP A 154 5.17 -9.58 0.65
N ASP A 155 4.49 -10.11 1.68
CA ASP A 155 3.11 -10.52 1.51
C ASP A 155 2.26 -9.37 0.97
N ALA A 156 2.44 -8.17 1.52
CA ALA A 156 1.64 -7.02 1.09
C ALA A 156 1.94 -6.66 -0.38
N PHE A 157 3.20 -6.40 -0.70
CA PHE A 157 3.55 -6.00 -2.07
C PHE A 157 3.31 -7.12 -3.06
N TYR A 158 3.67 -8.36 -2.71
CA TYR A 158 3.53 -9.45 -3.67
C TYR A 158 2.08 -9.81 -3.89
N THR A 159 1.24 -9.72 -2.86
CA THR A 159 -0.18 -9.93 -3.04
C THR A 159 -0.76 -8.87 -3.98
N LEU A 160 -0.32 -7.63 -3.84
CA LEU A 160 -0.81 -6.59 -4.72
C LEU A 160 -0.42 -6.90 -6.16
N VAL A 161 0.82 -7.35 -6.40
CA VAL A 161 1.22 -7.76 -7.74
C VAL A 161 0.31 -8.87 -8.26
N ARG A 162 0.03 -9.87 -7.42
CA ARG A 162 -0.89 -10.93 -7.83
C ARG A 162 -2.26 -10.38 -8.17
N GLU A 163 -2.73 -9.38 -7.42
CA GLU A 163 -4.02 -8.78 -7.75
C GLU A 163 -3.97 -8.03 -9.10
N ILE A 164 -2.86 -7.34 -9.37
CA ILE A 164 -2.72 -6.68 -10.66
C ILE A 164 -2.73 -7.71 -11.79
N ARG A 165 -2.00 -8.80 -11.61
CA ARG A 165 -1.97 -9.85 -12.62
C ARG A 165 -3.37 -10.39 -12.88
N LYS A 166 -4.10 -10.71 -11.81
CA LYS A 166 -5.47 -11.20 -11.95
C LYS A 166 -6.32 -10.22 -12.76
N HIS A 167 -6.24 -8.94 -12.43
CA HIS A 167 -7.02 -7.93 -13.15
C HIS A 167 -6.63 -7.85 -14.62
N LYS A 168 -5.32 -7.89 -14.91
CA LYS A 168 -4.86 -7.83 -16.29
C LYS A 168 -5.34 -9.05 -17.08
N GLU A 169 -5.54 -10.18 -16.41
CA GLU A 169 -5.91 -11.42 -17.10
C GLU A 169 -7.41 -11.52 -17.37
N LYS A 170 -8.24 -10.68 -16.76
CA LYS A 170 -9.68 -10.73 -16.98
C LYS A 170 -10.00 -10.43 -18.44
PB GDP B . 4.53 7.59 6.71
O1B GDP B . 3.27 6.76 6.46
O2B GDP B . 5.54 7.48 5.59
O3B GDP B . 4.22 9.00 7.15
O3A GDP B . 5.16 6.82 7.96
PA GDP B . 6.69 6.65 8.44
O1A GDP B . 7.28 8.01 8.43
O2A GDP B . 7.35 5.60 7.68
O5' GDP B . 6.50 6.15 9.92
C5' GDP B . 5.84 6.98 10.90
C4' GDP B . 6.24 6.59 12.30
O4' GDP B . 5.86 5.23 12.58
C3' GDP B . 7.74 6.66 12.60
O3' GDP B . 7.96 7.09 13.94
C2' GDP B . 8.19 5.21 12.38
O2' GDP B . 9.36 4.85 13.09
C1' GDP B . 6.99 4.45 12.91
N9 GDP B . 6.81 3.12 12.31
C8 GDP B . 6.59 2.85 10.99
N7 GDP B . 6.30 1.60 10.75
C5 GDP B . 6.33 0.99 12.00
C6 GDP B . 6.09 -0.34 12.40
O6 GDP B . 5.72 -1.28 11.70
N1 GDP B . 6.25 -0.52 13.76
C2 GDP B . 6.60 0.47 14.65
N2 GDP B . 6.75 0.08 15.95
N3 GDP B . 6.81 1.73 14.30
C4 GDP B . 6.66 1.93 12.98
H5' GDP B . 4.87 6.94 10.79
H5'' GDP B . 6.03 7.93 10.74
H4' GDP B . 5.73 7.14 12.94
H3' GDP B . 8.22 7.30 12.05
HO3' GDP B . 7.45 6.55 14.35
H2' GDP B . 8.36 5.04 11.42
HO2' GDP B . 9.91 5.40 12.78
H1' GDP B . 7.03 4.33 13.88
H8 GDP B . 6.64 3.55 10.30
HN1 GDP B . 6.11 -1.35 14.05
HN21 GDP B . 6.64 -0.75 16.23
HN22 GDP B . 6.98 0.62 16.60
MG MG C . 6.53 8.87 4.47
C1 EDO D . -14.27 2.36 7.86
O1 EDO D . -14.05 3.14 9.03
C2 EDO D . -13.10 2.39 6.89
O2 EDO D . -12.44 3.65 6.72
H11 EDO D . -15.07 2.72 7.43
H12 EDO D . -14.43 1.44 8.15
HO1 EDO D . -14.34 3.92 8.87
H21 EDO D . -13.41 2.13 5.99
H22 EDO D . -12.41 1.77 7.19
HO2 EDO D . -12.59 4.10 7.43
C1 EDO E . 15.10 4.49 -0.26
O1 EDO E . 15.93 3.44 0.17
C2 EDO E . 15.21 5.66 0.69
O2 EDO E . 16.49 6.28 0.69
H11 EDO E . 14.18 4.15 -0.30
H12 EDO E . 15.39 4.76 -1.16
HO1 EDO E . 16.73 3.66 -0.04
H21 EDO E . 15.04 5.37 1.61
H22 EDO E . 14.55 6.34 0.44
HO2 EDO E . 17.06 5.67 0.63
C1 EDO F . 4.53 4.30 -9.25
O1 EDO F . 4.84 3.29 -10.18
C2 EDO F . 3.50 5.18 -9.87
O2 EDO F . 4.09 5.89 -10.95
H11 EDO F . 5.36 4.80 -9.05
H12 EDO F . 4.20 3.88 -8.43
HO1 EDO F . 5.41 2.77 -9.81
H21 EDO F . 3.16 5.84 -9.23
H22 EDO F . 2.75 4.66 -10.24
HO2 EDO F . 3.67 6.61 -11.05
C1 EDO G . 3.06 -8.47 19.08
O1 EDO G . 2.83 -9.78 19.61
C2 EDO G . 2.17 -7.44 19.74
O2 EDO G . 2.69 -7.11 21.03
H11 EDO G . 2.87 -8.51 18.12
H12 EDO G . 4.00 -8.25 19.22
HO1 EDO G . 3.02 -9.75 20.43
H21 EDO G . 1.27 -7.78 19.86
H22 EDO G . 2.16 -6.61 19.21
HO2 EDO G . 2.52 -7.77 21.53
C4 OFU H . -10.86 13.21 5.19
C5 OFU H . -11.16 14.16 4.09
C6 OFU H . -10.34 15.36 4.43
C7 OFU H . -8.47 12.49 4.50
N12 OFU H . -6.58 12.26 2.55
C13 OFU H . -6.22 12.89 3.67
C15 OFU H . -5.70 8.49 -5.06
C17 OFU H . -4.93 8.50 -2.70
C20 OFU H . -5.10 10.68 -3.91
C21 OFU H . -5.10 12.10 -4.16
C22 OFU H . -5.60 12.44 -5.40
C24 OFU H . -3.10 10.24 -2.50
C28 OFU H . -5.79 11.47 0.36
C1 OFU H . -8.78 15.66 6.36
C11 OFU H . -5.63 12.17 1.62
C14 OFU H . -4.95 13.41 3.92
C16 OFU H . -4.75 7.87 -4.06
C18 OFU H . -4.61 10.02 -2.65
C19 OFU H . -5.56 9.98 -4.98
C25 OFU H . -5.31 10.58 -1.44
C3 OFU H . -9.35 13.36 5.41
C31 OFU H . -4.66 13.11 -3.26
C33 OFU H . -8.50 11.04 4.88
C9 OFU H . -4.05 13.21 2.90
N10 OFU H . -4.35 12.60 1.75
N2 OFU H . -9.13 14.85 5.16
N27 OFU H . -6.95 11.02 -0.07
N29 OFU H . -4.74 11.20 -0.48
N30 OFU H . -5.73 13.68 -5.95
N32 OFU H . -4.37 13.98 -2.56
O26 OFU H . -6.63 10.41 -1.30
O8 OFU H . -7.13 13.05 4.67
S23 OFU H . -6.06 11.02 -6.28
H40 OFU H . -11.09 12.30 4.94
H39 OFU H . -11.35 13.45 6.00
H42 OFU H . -10.92 13.79 3.22
H41 OFU H . -12.12 14.38 4.06
H44 OFU H . -10.82 15.97 5.02
H43 OFU H . -10.04 15.83 3.62
H45 OFU H . -8.79 12.53 3.57
H49 OFU H . -5.48 8.17 -5.96
H48 OFU H . -6.61 8.21 -4.86
H53 OFU H . -5.86 8.35 -2.41
H52 OFU H . -4.37 8.03 -2.06
H54 OFU H . -2.88 11.19 -2.46
H55 OFU H . -2.61 9.85 -3.25
H56 OFU H . -2.76 9.83 -1.68
H34 OFU H . -8.50 16.55 6.06
H35 OFU H . -8.04 15.22 6.83
H36 OFU H . -9.55 15.73 6.95
H47 OFU H . -4.73 13.87 4.74
H50 OFU H . -3.83 7.98 -4.37
H51 OFU H . -4.92 6.91 -4.01
H38 OFU H . -9.17 13.19 6.35
H61 OFU H . -8.27 10.90 5.81
H59 OFU H . -7.86 10.51 4.35
H60 OFU H . -9.38 10.64 4.74
H46 OFU H . -3.14 13.54 2.97
H58 OFU H . -6.06 13.84 -6.75
H57 OFU H . -5.50 14.43 -5.54
H37 OFU H . -8.44 14.89 4.62
#